data_3X1M
#
_entry.id   3X1M
#
_cell.length_a   104.810
_cell.length_b   120.490
_cell.length_c   89.750
_cell.angle_alpha   90.00
_cell.angle_beta   90.00
_cell.angle_gamma   90.00
#
_symmetry.space_group_name_H-M   'C 2 2 21'
#
loop_
_entity.id
_entity.type
_entity.pdbx_description
1 polymer 'Phosphopantetheine adenylyltransferase'
2 non-polymer 'COENZYME A'
3 non-polymer 'DIMETHYL SULFOXIDE'
4 non-polymer 'ACETATE ION'
5 non-polymer DI(HYDROXYETHYL)ETHER
6 non-polymer 'FORMIC ACID'
7 water water
#
_entity_poly.entity_id   1
_entity_poly.type   'polypeptide(L)'
_entity_poly.pdbx_seq_one_letter_code
;MNRVLYPGTFDPITKGHGDLIERASRLFDHVIIAVAASPKKNPLFSLEQRVALAQEVTKHLPNVEVVGFSTLLAHFVKEQ
KANVFLRGLRAVSDFEYEFQLANMNRQLAPDVESMFLTPSEKYSFISSTLVREIAALGGDISKFVHPAVADALAERFKR
;
_entity_poly.pdbx_strand_id   A,B,C
#
loop_
_chem_comp.id
_chem_comp.type
_chem_comp.name
_chem_comp.formula
ACT non-polymer 'ACETATE ION' 'C2 H3 O2 -1'
COA non-polymer 'COENZYME A' 'C21 H36 N7 O16 P3 S'
DMS non-polymer 'DIMETHYL SULFOXIDE' 'C2 H6 O S'
FMT non-polymer 'FORMIC ACID' 'C H2 O2'
PEG non-polymer DI(HYDROXYETHYL)ETHER 'C4 H10 O3'
#
# COMPACT_ATOMS: atom_id res chain seq x y z
N MET A 1 34.64 -11.87 12.05
CA MET A 1 33.62 -12.76 11.51
C MET A 1 32.26 -12.07 11.36
N ASN A 2 31.60 -12.31 10.23
CA ASN A 2 30.29 -11.71 9.97
C ASN A 2 29.11 -12.69 10.12
N ARG A 3 28.12 -12.30 10.90
CA ARG A 3 26.89 -13.07 11.02
C ARG A 3 25.73 -12.25 10.52
N VAL A 4 25.13 -12.68 9.42
CA VAL A 4 24.13 -11.90 8.75
C VAL A 4 22.71 -12.37 8.92
N LEU A 5 21.83 -11.45 9.30
CA LEU A 5 20.41 -11.76 9.48
C LEU A 5 19.55 -11.23 8.33
N TYR A 6 18.80 -12.14 7.71
CA TYR A 6 17.87 -11.84 6.61
C TYR A 6 16.44 -12.00 7.12
N PRO A 7 15.86 -10.91 7.66
CA PRO A 7 14.50 -11.03 8.23
C PRO A 7 13.42 -10.87 7.16
N GLY A 8 12.30 -11.56 7.32
CA GLY A 8 11.20 -11.45 6.39
C GLY A 8 10.00 -12.29 6.79
N THR A 9 8.88 -12.07 6.14
CA THR A 9 7.70 -12.86 6.42
C THR A 9 7.76 -14.24 5.69
N PHE A 10 8.32 -14.24 4.48
CA PHE A 10 8.47 -15.44 3.67
C PHE A 10 7.16 -16.21 3.64
N ASP A 11 6.17 -15.65 2.96
CA ASP A 11 4.85 -16.29 2.93
C ASP A 11 4.35 -16.57 1.51
N PRO A 12 4.93 -17.57 0.83
CA PRO A 12 6.08 -18.35 1.25
C PRO A 12 7.36 -17.75 0.70
N ILE A 13 8.47 -18.39 1.03
CA ILE A 13 9.77 -18.04 0.47
C ILE A 13 9.68 -18.37 -1.03
N THR A 14 10.24 -17.48 -1.84
CA THR A 14 10.12 -17.56 -3.30
C THR A 14 11.50 -17.76 -3.94
N LYS A 15 11.52 -17.96 -5.27
CA LYS A 15 12.79 -18.10 -5.98
C LYS A 15 13.62 -16.81 -5.87
N GLY A 16 12.97 -15.69 -5.64
CA GLY A 16 13.66 -14.42 -5.42
C GLY A 16 14.50 -14.50 -4.15
N HIS A 17 13.85 -14.92 -3.06
CA HIS A 17 14.54 -15.04 -1.77
C HIS A 17 15.69 -16.03 -1.87
N GLY A 18 15.43 -17.16 -2.53
CA GLY A 18 16.40 -18.22 -2.64
C GLY A 18 17.62 -17.78 -3.43
N ASP A 19 17.39 -16.99 -4.46
CA ASP A 19 18.48 -16.43 -5.20
C ASP A 19 19.36 -15.61 -4.27
N LEU A 20 18.74 -14.69 -3.53
CA LEU A 20 19.46 -13.87 -2.58
C LEU A 20 20.22 -14.70 -1.56
N ILE A 21 19.58 -15.75 -1.07
CA ILE A 21 20.21 -16.56 -0.03
C ILE A 21 21.42 -17.33 -0.58
N GLU A 22 21.31 -17.84 -1.81
CA GLU A 22 22.45 -18.47 -2.48
C GLU A 22 23.62 -17.46 -2.53
N ARG A 23 23.31 -16.24 -2.95
CA ARG A 23 24.34 -15.23 -3.08
C ARG A 23 24.92 -14.81 -1.71
N ALA A 24 24.08 -14.77 -0.69
CA ALA A 24 24.55 -14.32 0.62
C ALA A 24 25.35 -15.41 1.32
N SER A 25 24.99 -16.66 1.06
CA SER A 25 25.68 -17.76 1.72
C SER A 25 27.08 -17.89 1.17
N ARG A 26 27.25 -17.39 -0.06
CA ARG A 26 28.52 -17.43 -0.76
C ARG A 26 29.47 -16.31 -0.33
N LEU A 27 28.92 -15.32 0.37
CA LEU A 27 29.65 -14.14 0.80
C LEU A 27 30.02 -14.11 2.27
N PHE A 28 29.20 -14.74 3.11
CA PHE A 28 29.33 -14.58 4.57
C PHE A 28 29.51 -15.91 5.26
N ASP A 29 30.19 -15.89 6.41
CA ASP A 29 30.42 -17.11 7.17
C ASP A 29 29.12 -17.70 7.74
N HIS A 30 28.20 -16.84 8.16
CA HIS A 30 26.97 -17.30 8.78
C HIS A 30 25.76 -16.48 8.32
N VAL A 31 24.78 -17.16 7.75
CA VAL A 31 23.55 -16.52 7.33
C VAL A 31 22.34 -17.11 8.03
N ILE A 32 21.61 -16.26 8.73
CA ILE A 32 20.40 -16.67 9.44
C ILE A 32 19.17 -16.09 8.78
N ILE A 33 18.29 -16.96 8.36
CA ILE A 33 17.03 -16.53 7.84
C ILE A 33 16.08 -16.40 9.02
N ALA A 34 15.74 -15.15 9.34
CA ALA A 34 14.83 -14.85 10.44
C ALA A 34 13.41 -14.63 9.90
N VAL A 35 12.57 -15.63 10.11
CA VAL A 35 11.20 -15.61 9.65
C VAL A 35 10.31 -14.98 10.69
N ALA A 36 9.78 -13.79 10.39
CA ALA A 36 8.90 -13.08 11.32
C ALA A 36 7.47 -13.63 11.27
N ALA A 37 6.87 -13.81 12.44
CA ALA A 37 5.48 -14.23 12.59
C ALA A 37 4.55 -13.33 11.76
N SER A 38 4.79 -12.00 11.86
CA SER A 38 4.04 -10.97 11.11
C SER A 38 2.51 -11.14 11.19
N PRO A 39 1.96 -11.18 12.40
CA PRO A 39 0.53 -11.49 12.50
C PRO A 39 -0.37 -10.47 11.82
N LYS A 40 0.12 -9.24 11.65
CA LYS A 40 -0.70 -8.19 11.10
C LYS A 40 -0.83 -8.35 9.58
N LYS A 41 -0.17 -9.37 9.04
CA LYS A 41 -0.24 -9.67 7.62
C LYS A 41 -1.12 -10.89 7.36
N ASN A 42 -1.61 -11.53 8.41
N ASN A 42 -1.69 -11.45 8.42
CA ASN A 42 -2.43 -12.73 8.26
CA ASN A 42 -2.35 -12.77 8.43
C ASN A 42 -1.83 -13.73 7.27
C ASN A 42 -1.82 -13.70 7.34
N PRO A 43 -0.64 -14.27 7.58
CA PRO A 43 0.04 -15.14 6.61
C PRO A 43 -0.77 -16.38 6.22
N LEU A 44 -0.71 -16.67 4.93
CA LEU A 44 -1.31 -17.86 4.37
C LEU A 44 -0.76 -19.09 5.11
N PHE A 45 0.56 -19.14 5.25
CA PHE A 45 1.21 -20.23 5.95
C PHE A 45 1.54 -19.85 7.38
N SER A 46 1.42 -20.81 8.28
CA SER A 46 1.83 -20.57 9.65
C SER A 46 3.32 -20.41 9.71
N LEU A 47 3.76 -19.78 10.80
CA LEU A 47 5.17 -19.52 11.06
C LEU A 47 5.94 -20.82 10.98
N GLU A 48 5.43 -21.85 11.64
CA GLU A 48 6.07 -23.16 11.62
C GLU A 48 6.18 -23.74 10.17
N GLN A 49 5.14 -23.57 9.35
CA GLN A 49 5.21 -24.02 7.95
C GLN A 49 6.24 -23.18 7.18
N ARG A 50 6.19 -21.86 7.37
CA ARG A 50 7.04 -20.95 6.62
C ARG A 50 8.51 -21.27 6.92
N VAL A 51 8.81 -21.45 8.20
CA VAL A 51 10.15 -21.83 8.64
C VAL A 51 10.56 -23.18 8.04
N ALA A 52 9.63 -24.13 8.05
CA ALA A 52 9.87 -25.46 7.52
C ALA A 52 10.19 -25.37 6.03
N LEU A 53 9.43 -24.55 5.30
CA LEU A 53 9.69 -24.35 3.89
C LEU A 53 11.06 -23.69 3.66
N ALA A 54 11.38 -22.71 4.51
CA ALA A 54 12.68 -22.04 4.38
C ALA A 54 13.83 -23.00 4.66
N GLN A 55 13.67 -23.91 5.61
CA GLN A 55 14.72 -24.91 5.87
C GLN A 55 14.87 -25.83 4.65
N GLU A 56 13.76 -26.29 4.10
CA GLU A 56 13.81 -27.22 2.99
C GLU A 56 14.57 -26.61 1.80
N VAL A 57 14.26 -25.35 1.51
CA VAL A 57 14.85 -24.65 0.38
C VAL A 57 16.34 -24.29 0.58
N THR A 58 16.82 -24.29 1.83
CA THR A 58 18.20 -23.88 2.13
C THR A 58 19.07 -24.95 2.82
N LYS A 59 18.55 -26.14 2.96
CA LYS A 59 19.25 -27.17 3.74
C LYS A 59 20.59 -27.59 3.09
N HIS A 60 20.71 -27.36 1.78
CA HIS A 60 21.93 -27.67 1.04
C HIS A 60 23.03 -26.63 1.28
N LEU A 61 22.70 -25.58 1.99
CA LEU A 61 23.68 -24.53 2.26
C LEU A 61 24.07 -24.68 3.72
N PRO A 62 25.31 -25.14 3.98
CA PRO A 62 25.73 -25.51 5.34
C PRO A 62 25.87 -24.29 6.24
N ASN A 63 26.18 -23.11 5.69
CA ASN A 63 26.36 -21.94 6.52
C ASN A 63 25.04 -21.15 6.71
N VAL A 64 23.93 -21.73 6.24
CA VAL A 64 22.62 -21.11 6.37
C VAL A 64 21.73 -21.82 7.38
N GLU A 65 21.11 -21.03 8.26
CA GLU A 65 20.27 -21.54 9.35
C GLU A 65 18.94 -20.78 9.27
N VAL A 66 17.85 -21.40 9.71
CA VAL A 66 16.54 -20.78 9.64
C VAL A 66 15.92 -20.70 11.05
N VAL A 67 15.42 -19.52 11.41
CA VAL A 67 14.78 -19.37 12.72
C VAL A 67 13.50 -18.56 12.61
N GLY A 68 12.47 -18.98 13.32
CA GLY A 68 11.26 -18.19 13.40
C GLY A 68 11.36 -17.29 14.63
N PHE A 69 10.72 -16.14 14.57
CA PHE A 69 10.69 -15.23 15.72
C PHE A 69 9.48 -14.31 15.61
N SER A 70 8.97 -13.93 16.77
CA SER A 70 7.77 -13.12 16.83
C SER A 70 8.00 -11.89 17.70
N THR A 71 9.25 -11.69 18.07
CA THR A 71 9.62 -10.52 18.85
C THR A 71 10.09 -9.37 17.97
N LEU A 72 10.50 -8.28 18.62
CA LEU A 72 11.02 -7.12 17.93
C LEU A 72 12.35 -7.49 17.26
N LEU A 73 12.47 -7.16 15.97
CA LEU A 73 13.67 -7.51 15.20
C LEU A 73 14.90 -6.99 15.89
N ALA A 74 14.82 -5.77 16.39
CA ALA A 74 15.95 -5.12 17.04
C ALA A 74 16.39 -5.86 18.29
N HIS A 75 15.47 -6.50 19.00
CA HIS A 75 15.84 -7.44 20.06
C HIS A 75 16.48 -8.73 19.56
N PHE A 76 15.74 -9.38 18.67
CA PHE A 76 16.13 -10.64 18.10
C PHE A 76 17.53 -10.66 17.48
N VAL A 77 17.88 -9.62 16.74
CA VAL A 77 19.19 -9.53 16.12
C VAL A 77 20.30 -9.63 17.17
N LYS A 78 20.04 -9.09 18.34
CA LYS A 78 21.00 -9.13 19.44
C LYS A 78 21.14 -10.55 19.99
N GLU A 79 20.02 -11.15 20.37
CA GLU A 79 20.01 -12.50 20.89
C GLU A 79 20.59 -13.46 19.88
N GLN A 80 20.56 -13.10 18.62
CA GLN A 80 21.19 -13.92 17.59
C GLN A 80 22.66 -13.55 17.41
N LYS A 81 23.09 -12.48 18.08
CA LYS A 81 24.45 -11.98 18.01
C LYS A 81 24.90 -11.77 16.55
N ALA A 82 24.00 -11.27 15.72
CA ALA A 82 24.32 -10.94 14.36
C ALA A 82 24.72 -9.49 14.29
N ASN A 83 25.60 -9.15 13.36
CA ASN A 83 26.08 -7.78 13.22
C ASN A 83 25.62 -7.10 11.94
N VAL A 84 24.88 -7.81 11.09
CA VAL A 84 24.47 -7.26 9.81
C VAL A 84 23.03 -7.61 9.45
N PHE A 85 22.27 -6.62 9.02
CA PHE A 85 20.98 -6.86 8.37
C PHE A 85 21.15 -7.01 6.86
N LEU A 86 20.52 -8.04 6.31
CA LEU A 86 20.36 -8.19 4.86
C LEU A 86 18.93 -7.98 4.45
N ARG A 87 18.72 -7.17 3.40
CA ARG A 87 17.43 -7.05 2.76
C ARG A 87 17.61 -7.12 1.25
N GLY A 88 16.57 -7.57 0.54
CA GLY A 88 16.63 -7.59 -0.90
C GLY A 88 16.20 -6.26 -1.48
N LEU A 89 16.82 -5.90 -2.60
CA LEU A 89 16.47 -4.68 -3.33
C LEU A 89 16.36 -4.98 -4.80
N ARG A 90 15.23 -4.61 -5.35
CA ARG A 90 14.94 -4.92 -6.70
C ARG A 90 14.22 -3.93 -7.52
N ALA A 91 12.95 -3.85 -7.18
CA ALA A 91 11.86 -3.57 -8.06
C ALA A 91 12.22 -2.14 -8.54
N VAL A 92 12.09 -1.17 -7.65
CA VAL A 92 11.89 -1.48 -6.24
C VAL A 92 10.50 -1.24 -5.64
N SER A 93 10.05 -2.16 -4.80
CA SER A 93 8.82 -1.96 -4.05
C SER A 93 8.66 -0.49 -3.65
N ASP A 94 9.25 -0.11 -2.53
CA ASP A 94 9.25 1.27 -2.08
C ASP A 94 10.63 1.51 -1.49
N PHE A 95 11.53 2.06 -2.30
CA PHE A 95 12.94 1.99 -1.98
C PHE A 95 13.23 2.67 -0.67
N GLU A 96 12.26 3.46 -0.23
CA GLU A 96 12.29 4.17 1.04
C GLU A 96 11.75 3.30 2.18
N TYR A 97 10.77 2.41 1.92
CA TYR A 97 10.29 1.57 3.02
C TYR A 97 11.48 0.84 3.64
N GLU A 98 12.44 0.45 2.80
CA GLU A 98 13.70 -0.12 3.25
C GLU A 98 14.60 0.93 3.94
N PHE A 99 14.62 2.17 3.41
CA PHE A 99 15.43 3.22 4.02
C PHE A 99 14.84 3.57 5.38
N GLN A 100 13.51 3.62 5.44
CA GLN A 100 12.77 3.90 6.68
C GLN A 100 12.92 2.82 7.76
N LEU A 101 12.96 1.58 7.32
CA LEU A 101 13.10 0.46 8.23
C LEU A 101 14.53 0.42 8.81
N ALA A 102 15.50 0.67 7.94
CA ALA A 102 16.91 0.60 8.31
C ALA A 102 17.21 1.72 9.29
N ASN A 103 16.66 2.88 8.98
CA ASN A 103 16.99 4.08 9.72
C ASN A 103 16.44 4.10 11.15
N MET A 104 15.27 3.55 11.37
CA MET A 104 14.74 3.52 12.73
C MET A 104 15.28 2.26 13.42
N ASN A 105 15.64 1.22 12.65
CA ASN A 105 16.36 0.10 13.25
C ASN A 105 17.81 0.46 13.57
N ARG A 106 18.34 1.45 12.87
CA ARG A 106 19.66 1.98 13.16
C ARG A 106 19.56 2.65 14.52
N GLN A 107 18.36 3.11 14.84
CA GLN A 107 18.11 3.79 16.10
C GLN A 107 17.96 2.80 17.26
N LEU A 108 17.39 1.63 16.99
CA LEU A 108 17.13 0.61 18.00
C LEU A 108 18.30 -0.37 18.14
N ALA A 109 19.02 -0.58 17.03
CA ALA A 109 20.18 -1.45 17.00
C ALA A 109 21.33 -0.70 16.31
N PRO A 110 21.94 0.23 17.06
CA PRO A 110 22.97 1.10 16.49
C PRO A 110 24.17 0.34 15.96
N ASP A 111 24.46 -0.83 16.53
CA ASP A 111 25.66 -1.56 16.16
C ASP A 111 25.48 -2.52 14.98
N VAL A 112 24.27 -2.60 14.42
CA VAL A 112 24.04 -3.52 13.31
C VAL A 112 23.97 -2.79 11.98
N GLU A 113 24.76 -3.24 11.02
CA GLU A 113 24.78 -2.63 9.71
C GLU A 113 23.60 -3.12 8.86
N SER A 114 23.02 -2.23 8.07
CA SER A 114 22.03 -2.61 7.08
C SER A 114 22.69 -2.75 5.72
N MET A 115 22.39 -3.85 5.06
CA MET A 115 23.04 -4.16 3.80
C MET A 115 22.04 -4.66 2.74
N PHE A 116 22.30 -4.34 1.48
CA PHE A 116 21.37 -4.76 0.46
C PHE A 116 22.03 -5.56 -0.63
N LEU A 117 21.28 -6.56 -1.12
CA LEU A 117 21.66 -7.33 -2.31
C LEU A 117 20.52 -7.33 -3.28
N THR A 118 20.86 -7.62 -4.51
CA THR A 118 19.86 -7.72 -5.54
C THR A 118 19.83 -9.11 -6.17
N PRO A 119 18.62 -9.63 -6.42
CA PRO A 119 18.47 -10.96 -7.03
C PRO A 119 18.70 -10.89 -8.53
N SER A 120 18.91 -12.03 -9.18
CA SER A 120 19.04 -12.07 -10.63
C SER A 120 17.79 -11.46 -11.28
N GLU A 121 17.97 -10.80 -12.43
CA GLU A 121 16.87 -10.14 -13.12
C GLU A 121 15.73 -11.09 -13.36
N LYS A 122 16.08 -12.37 -13.52
CA LYS A 122 15.13 -13.40 -13.88
C LYS A 122 14.17 -13.68 -12.70
N TYR A 123 14.53 -13.22 -11.49
CA TYR A 123 13.66 -13.36 -10.33
C TYR A 123 13.24 -12.03 -9.72
N SER A 124 13.50 -10.93 -10.44
CA SER A 124 13.32 -9.61 -9.86
C SER A 124 11.88 -9.17 -9.77
N PHE A 125 10.97 -9.98 -10.28
CA PHE A 125 9.59 -9.53 -10.37
C PHE A 125 8.62 -10.44 -9.64
N ILE A 126 9.14 -11.39 -8.87
CA ILE A 126 8.25 -12.29 -8.14
C ILE A 126 7.74 -11.69 -6.83
N SER A 127 6.42 -11.60 -6.71
CA SER A 127 5.76 -11.11 -5.50
C SER A 127 5.16 -12.27 -4.74
N SER A 128 5.50 -12.39 -3.45
CA SER A 128 4.87 -13.40 -2.57
C SER A 128 3.37 -13.28 -2.62
N THR A 129 2.91 -12.04 -2.58
CA THR A 129 1.49 -11.76 -2.60
C THR A 129 0.85 -12.31 -3.85
N LEU A 130 1.47 -12.07 -5.00
CA LEU A 130 0.78 -12.48 -6.20
C LEU A 130 0.93 -13.98 -6.38
N VAL A 131 2.00 -14.54 -5.83
CA VAL A 131 2.13 -16.00 -5.81
C VAL A 131 0.98 -16.61 -5.03
N ARG A 132 0.65 -16.02 -3.88
CA ARG A 132 -0.47 -16.52 -3.08
C ARG A 132 -1.80 -16.46 -3.83
N GLU A 133 -2.09 -15.31 -4.45
CA GLU A 133 -3.37 -15.10 -5.14
C GLU A 133 -3.46 -15.94 -6.42
N ILE A 134 -2.35 -16.06 -7.14
CA ILE A 134 -2.33 -16.94 -8.30
C ILE A 134 -2.60 -18.39 -7.87
N ALA A 135 -1.94 -18.82 -6.78
CA ALA A 135 -2.11 -20.19 -6.32
C ALA A 135 -3.54 -20.39 -5.87
N ALA A 136 -4.08 -19.39 -5.19
CA ALA A 136 -5.43 -19.48 -4.67
C ALA A 136 -6.52 -19.63 -5.76
N LEU A 137 -6.22 -19.17 -6.97
CA LEU A 137 -7.16 -19.28 -8.08
C LEU A 137 -6.77 -20.40 -9.04
N GLY A 138 -5.90 -21.28 -8.60
CA GLY A 138 -5.54 -22.44 -9.36
C GLY A 138 -4.60 -22.16 -10.51
N GLY A 139 -3.91 -21.03 -10.48
CA GLY A 139 -2.93 -20.76 -11.50
C GLY A 139 -1.62 -21.45 -11.18
N ASP A 140 -0.86 -21.80 -12.22
CA ASP A 140 0.41 -22.48 -12.01
C ASP A 140 1.47 -21.54 -11.46
N ILE A 141 2.00 -21.86 -10.28
CA ILE A 141 3.04 -21.03 -9.67
C ILE A 141 4.42 -21.68 -9.58
N SER A 142 4.62 -22.79 -10.30
CA SER A 142 5.87 -23.55 -10.22
C SER A 142 7.09 -22.78 -10.73
N LYS A 143 6.82 -21.77 -11.55
CA LYS A 143 7.88 -20.96 -12.15
C LYS A 143 8.36 -19.89 -11.18
N PHE A 144 7.66 -19.73 -10.05
CA PHE A 144 8.02 -18.67 -9.12
C PHE A 144 8.63 -19.17 -7.82
N VAL A 145 8.45 -20.46 -7.55
CA VAL A 145 8.85 -21.01 -6.27
C VAL A 145 9.57 -22.33 -6.43
N HIS A 146 10.29 -22.71 -5.38
CA HIS A 146 10.92 -24.00 -5.22
C HIS A 146 9.83 -25.09 -5.22
N PRO A 147 10.13 -26.27 -5.77
CA PRO A 147 9.17 -27.37 -5.82
C PRO A 147 8.50 -27.65 -4.47
N ALA A 148 9.24 -27.61 -3.37
CA ALA A 148 8.63 -27.92 -2.07
C ALA A 148 7.60 -26.85 -1.72
N VAL A 149 7.91 -25.61 -2.09
CA VAL A 149 6.98 -24.53 -1.87
C VAL A 149 5.77 -24.73 -2.77
N ALA A 150 6.00 -25.11 -4.03
CA ALA A 150 4.87 -25.40 -4.94
C ALA A 150 3.94 -26.51 -4.41
N ASP A 151 4.49 -27.53 -3.77
CA ASP A 151 3.62 -28.57 -3.18
C ASP A 151 2.76 -28.02 -2.05
N ALA A 152 3.38 -27.24 -1.17
CA ALA A 152 2.70 -26.61 -0.05
C ALA A 152 1.55 -25.68 -0.52
N LEU A 153 1.80 -24.93 -1.58
CA LEU A 153 0.76 -24.07 -2.13
C LEU A 153 -0.38 -24.90 -2.71
N ALA A 154 -0.06 -25.98 -3.41
CA ALA A 154 -1.11 -26.79 -4.01
C ALA A 154 -1.99 -27.36 -2.92
N GLU A 155 -1.35 -27.89 -1.89
CA GLU A 155 -2.09 -28.56 -0.83
C GLU A 155 -2.68 -27.53 0.12
N ARG A 156 -2.26 -26.29 -0.01
CA ARG A 156 -2.80 -25.25 0.85
C ARG A 156 -4.26 -25.00 0.55
N PHE A 157 -4.65 -25.15 -0.72
CA PHE A 157 -6.04 -24.85 -1.08
C PHE A 157 -6.86 -26.10 -1.43
N LYS A 158 -6.42 -27.27 -0.97
CA LYS A 158 -7.16 -28.52 -1.19
C LYS A 158 -6.76 -29.62 -0.20
N MET B 1 -6.64 -7.42 -36.22
N MET B 1 -7.41 -9.27 -36.46
CA MET B 1 -7.41 -8.50 -35.59
CA MET B 1 -8.05 -8.51 -35.39
C MET B 1 -7.07 -8.62 -34.10
C MET B 1 -7.33 -8.65 -34.05
N ASN B 2 -7.19 -7.53 -33.34
CA ASN B 2 -6.85 -7.56 -31.91
C ASN B 2 -8.05 -7.46 -30.97
N ARG B 3 -8.09 -8.35 -29.98
CA ARG B 3 -9.13 -8.27 -28.98
C ARG B 3 -8.45 -7.97 -27.65
N VAL B 4 -8.83 -6.89 -27.00
CA VAL B 4 -8.08 -6.42 -25.85
C VAL B 4 -8.94 -6.37 -24.60
N LEU B 5 -8.40 -6.94 -23.52
CA LEU B 5 -9.08 -7.02 -22.24
C LEU B 5 -8.57 -5.99 -21.26
N TYR B 6 -9.51 -5.30 -20.63
CA TYR B 6 -9.25 -4.27 -19.63
C TYR B 6 -9.73 -4.78 -18.27
N PRO B 7 -8.83 -5.42 -17.51
CA PRO B 7 -9.26 -5.96 -16.22
C PRO B 7 -9.14 -4.91 -15.10
N GLY B 8 -10.02 -4.99 -14.11
CA GLY B 8 -9.97 -4.11 -12.98
C GLY B 8 -11.12 -4.45 -12.04
N THR B 9 -11.07 -3.91 -10.83
CA THR B 9 -12.16 -4.14 -9.91
C THR B 9 -13.33 -3.20 -10.23
N PHE B 10 -13.01 -2.00 -10.69
CA PHE B 10 -14.02 -1.00 -11.06
C PHE B 10 -15.10 -0.85 -9.98
N ASP B 11 -14.69 -0.35 -8.82
CA ASP B 11 -15.58 -0.20 -7.69
C ASP B 11 -15.64 1.23 -7.18
N PRO B 12 -16.34 2.12 -7.90
CA PRO B 12 -16.97 1.89 -9.20
C PRO B 12 -16.06 2.36 -10.34
N ILE B 13 -16.57 2.20 -11.56
CA ILE B 13 -15.89 2.68 -12.75
C ILE B 13 -15.86 4.21 -12.74
N THR B 14 -14.77 4.81 -13.19
CA THR B 14 -14.66 6.25 -13.08
C THR B 14 -14.48 6.88 -14.45
N LYS B 15 -14.48 8.22 -14.47
CA LYS B 15 -14.17 8.96 -15.68
C LYS B 15 -12.72 8.67 -16.09
N GLY B 16 -11.88 8.25 -15.14
CA GLY B 16 -10.52 7.85 -15.43
C GLY B 16 -10.55 6.61 -16.30
N HIS B 17 -11.31 5.61 -15.83
CA HIS B 17 -11.47 4.37 -16.57
C HIS B 17 -12.11 4.65 -17.93
N GLY B 18 -13.16 5.47 -17.89
CA GLY B 18 -13.94 5.76 -19.07
C GLY B 18 -13.15 6.43 -20.17
N ASP B 19 -12.27 7.35 -19.79
CA ASP B 19 -11.38 7.97 -20.77
C ASP B 19 -10.47 6.94 -21.47
N LEU B 20 -9.85 6.08 -20.67
CA LEU B 20 -9.04 4.99 -21.22
C LEU B 20 -9.86 4.11 -22.18
N ILE B 21 -11.08 3.79 -21.80
CA ILE B 21 -11.89 2.91 -22.62
C ILE B 21 -12.25 3.57 -23.95
N GLU B 22 -12.54 4.87 -23.89
CA GLU B 22 -12.77 5.69 -25.07
C GLU B 22 -11.57 5.60 -26.00
N ARG B 23 -10.39 5.80 -25.42
CA ARG B 23 -9.19 5.77 -26.23
C ARG B 23 -8.97 4.37 -26.80
N ALA B 24 -9.36 3.34 -26.05
CA ALA B 24 -9.15 1.98 -26.52
C ALA B 24 -10.13 1.58 -27.64
N SER B 25 -11.35 2.11 -27.62
CA SER B 25 -12.37 1.77 -28.62
C SER B 25 -12.03 2.36 -29.99
N ARG B 26 -11.23 3.42 -30.01
CA ARG B 26 -10.81 4.00 -31.27
C ARG B 26 -9.63 3.24 -31.87
N LEU B 27 -9.00 2.42 -31.03
CA LEU B 27 -7.80 1.73 -31.44
C LEU B 27 -8.05 0.28 -31.78
N PHE B 28 -9.03 -0.33 -31.12
CA PHE B 28 -9.15 -1.78 -31.26
C PHE B 28 -10.52 -2.20 -31.71
N ASP B 29 -10.52 -3.31 -32.45
CA ASP B 29 -11.74 -3.83 -33.02
C ASP B 29 -12.66 -4.30 -31.93
N HIS B 30 -12.09 -4.88 -30.87
CA HIS B 30 -12.91 -5.42 -29.79
C HIS B 30 -12.26 -5.13 -28.42
N VAL B 31 -13.03 -4.47 -27.56
CA VAL B 31 -12.62 -4.16 -26.20
C VAL B 31 -13.54 -4.83 -25.20
N ILE B 32 -12.95 -5.61 -24.31
CA ILE B 32 -13.68 -6.28 -23.24
C ILE B 32 -13.25 -5.71 -21.89
N ILE B 33 -14.23 -5.21 -21.16
CA ILE B 33 -14.02 -4.76 -19.82
C ILE B 33 -14.28 -5.91 -18.88
N ALA B 34 -13.20 -6.47 -18.33
CA ALA B 34 -13.30 -7.59 -17.40
C ALA B 34 -13.26 -7.08 -15.98
N VAL B 35 -14.44 -7.11 -15.34
CA VAL B 35 -14.57 -6.70 -13.94
C VAL B 35 -14.28 -7.87 -13.04
N ALA B 36 -13.18 -7.80 -12.28
CA ALA B 36 -12.81 -8.88 -11.37
C ALA B 36 -13.66 -8.81 -10.09
N ALA B 37 -14.14 -9.97 -9.63
CA ALA B 37 -14.94 -10.03 -8.40
C ALA B 37 -14.18 -9.41 -7.23
N SER B 38 -12.92 -9.81 -7.09
CA SER B 38 -12.01 -9.30 -6.07
C SER B 38 -12.55 -9.30 -4.63
N PRO B 39 -12.90 -10.48 -4.10
CA PRO B 39 -13.49 -10.60 -2.76
C PRO B 39 -12.54 -10.14 -1.66
N LYS B 40 -11.24 -10.19 -1.94
CA LYS B 40 -10.22 -9.86 -0.95
C LYS B 40 -10.17 -8.33 -0.74
N LYS B 41 -11.02 -7.61 -1.46
CA LYS B 41 -11.08 -6.17 -1.31
C LYS B 41 -12.37 -5.68 -0.67
N ASN B 42 -13.32 -6.60 -0.49
N ASN B 42 -13.30 -6.62 -0.50
CA ASN B 42 -14.67 -6.24 -0.02
CA ASN B 42 -14.69 -6.34 -0.11
C ASN B 42 -15.28 -5.05 -0.79
C ASN B 42 -15.25 -5.09 -0.80
N PRO B 43 -15.57 -5.21 -2.09
CA PRO B 43 -16.06 -4.11 -2.92
C PRO B 43 -17.36 -3.50 -2.40
N LEU B 44 -17.46 -2.18 -2.49
CA LEU B 44 -18.68 -1.51 -2.09
C LEU B 44 -19.86 -2.09 -2.87
N PHE B 45 -19.71 -2.16 -4.19
CA PHE B 45 -20.74 -2.69 -5.09
C PHE B 45 -20.49 -4.15 -5.43
N SER B 46 -21.57 -4.91 -5.55
CA SER B 46 -21.45 -6.29 -5.97
C SER B 46 -20.92 -6.36 -7.39
N LEU B 47 -20.38 -7.53 -7.75
CA LEU B 47 -19.89 -7.77 -9.09
C LEU B 47 -20.96 -7.40 -10.11
N GLU B 48 -22.17 -7.89 -9.88
CA GLU B 48 -23.28 -7.60 -10.79
C GLU B 48 -23.55 -6.09 -10.93
N GLN B 49 -23.52 -5.37 -9.82
CA GLN B 49 -23.73 -3.93 -9.88
C GLN B 49 -22.61 -3.24 -10.65
N ARG B 50 -21.37 -3.64 -10.34
CA ARG B 50 -20.22 -3.02 -10.98
C ARG B 50 -20.29 -3.28 -12.49
N VAL B 51 -20.63 -4.52 -12.87
CA VAL B 51 -20.76 -4.91 -14.27
C VAL B 51 -21.80 -4.04 -14.96
N ALA B 52 -22.93 -3.84 -14.27
CA ALA B 52 -24.02 -3.01 -14.79
C ALA B 52 -23.59 -1.55 -15.00
N LEU B 53 -22.88 -1.00 -14.02
CA LEU B 53 -22.41 0.37 -14.12
C LEU B 53 -21.43 0.53 -15.28
N ALA B 54 -20.55 -0.45 -15.45
CA ALA B 54 -19.63 -0.41 -16.58
C ALA B 54 -20.39 -0.51 -17.93
N GLN B 55 -21.46 -1.30 -17.98
CA GLN B 55 -22.26 -1.41 -19.19
C GLN B 55 -22.88 -0.08 -19.52
N GLU B 56 -23.47 0.54 -18.50
CA GLU B 56 -24.18 1.79 -18.68
C GLU B 56 -23.25 2.88 -19.24
N VAL B 57 -22.06 2.96 -18.67
CA VAL B 57 -21.08 3.98 -19.06
C VAL B 57 -20.49 3.71 -20.44
N THR B 58 -20.57 2.46 -20.92
CA THR B 58 -19.91 2.11 -22.17
C THR B 58 -20.85 1.64 -23.29
N LYS B 59 -22.15 1.62 -23.03
CA LYS B 59 -23.10 1.07 -23.97
C LYS B 59 -23.18 1.80 -25.30
N HIS B 60 -22.73 3.03 -25.33
CA HIS B 60 -22.67 3.82 -26.55
C HIS B 60 -21.48 3.48 -27.44
N LEU B 61 -20.60 2.61 -26.96
CA LEU B 61 -19.45 2.17 -27.75
C LEU B 61 -19.72 0.77 -28.21
N PRO B 62 -19.97 0.61 -29.52
CA PRO B 62 -20.48 -0.63 -30.09
C PRO B 62 -19.49 -1.77 -30.01
N ASN B 63 -18.19 -1.47 -30.06
CA ASN B 63 -17.14 -2.49 -30.01
C ASN B 63 -16.63 -2.76 -28.59
N VAL B 64 -17.31 -2.17 -27.60
CA VAL B 64 -16.94 -2.37 -26.19
C VAL B 64 -17.98 -3.22 -25.49
N GLU B 65 -17.51 -4.23 -24.76
CA GLU B 65 -18.40 -5.16 -24.08
C GLU B 65 -17.90 -5.34 -22.63
N VAL B 66 -18.80 -5.63 -21.70
CA VAL B 66 -18.44 -5.73 -20.30
C VAL B 66 -18.71 -7.13 -19.78
N VAL B 67 -17.71 -7.72 -19.12
CA VAL B 67 -17.89 -9.07 -18.57
C VAL B 67 -17.32 -9.10 -17.18
N GLY B 68 -18.05 -9.77 -16.29
CA GLY B 68 -17.60 -10.04 -14.94
C GLY B 68 -16.91 -11.39 -14.90
N PHE B 69 -15.96 -11.53 -13.99
CA PHE B 69 -15.29 -12.83 -13.81
C PHE B 69 -14.71 -12.95 -12.42
N SER B 70 -14.62 -14.19 -11.95
CA SER B 70 -14.10 -14.43 -10.62
C SER B 70 -12.98 -15.46 -10.65
N THR B 71 -12.53 -15.81 -11.85
CA THR B 71 -11.43 -16.75 -11.98
C THR B 71 -10.06 -16.05 -12.13
N LEU B 72 -9.00 -16.84 -12.35
CA LEU B 72 -7.68 -16.28 -12.61
C LEU B 72 -7.67 -15.58 -13.98
N LEU B 73 -7.15 -14.35 -14.00
CA LEU B 73 -7.04 -13.51 -15.20
C LEU B 73 -6.33 -14.20 -16.37
N ALA B 74 -5.26 -14.90 -16.07
CA ALA B 74 -4.50 -15.60 -17.11
C ALA B 74 -5.27 -16.74 -17.76
N HIS B 75 -6.16 -17.34 -16.99
CA HIS B 75 -7.15 -18.28 -17.50
C HIS B 75 -8.28 -17.57 -18.27
N PHE B 76 -8.98 -16.65 -17.62
CA PHE B 76 -10.11 -15.92 -18.20
C PHE B 76 -9.80 -15.28 -19.53
N VAL B 77 -8.59 -14.75 -19.68
CA VAL B 77 -8.24 -14.09 -20.93
C VAL B 77 -8.27 -15.12 -22.06
N LYS B 78 -7.96 -16.39 -21.76
CA LYS B 78 -8.01 -17.45 -22.77
C LYS B 78 -9.46 -17.83 -23.08
N GLU B 79 -10.29 -17.77 -22.05
CA GLU B 79 -11.70 -18.02 -22.21
C GLU B 79 -12.34 -16.94 -23.09
N GLN B 80 -11.79 -15.72 -23.04
CA GLN B 80 -12.27 -14.59 -23.86
C GLN B 80 -11.55 -14.46 -25.20
N LYS B 81 -10.50 -15.24 -25.37
CA LYS B 81 -9.72 -15.19 -26.60
C LYS B 81 -9.24 -13.78 -26.95
N ALA B 82 -8.81 -13.05 -25.93
CA ALA B 82 -8.15 -11.79 -26.15
C ALA B 82 -6.62 -12.01 -26.20
N ASN B 83 -5.93 -11.22 -27.01
CA ASN B 83 -4.49 -11.33 -27.15
C ASN B 83 -3.77 -10.13 -26.53
N VAL B 84 -4.52 -9.19 -25.95
CA VAL B 84 -3.90 -8.02 -25.32
C VAL B 84 -4.55 -7.66 -23.99
N PHE B 85 -3.69 -7.48 -22.98
CA PHE B 85 -4.09 -6.89 -21.71
C PHE B 85 -3.95 -5.36 -21.80
N LEU B 86 -4.96 -4.66 -21.33
CA LEU B 86 -4.85 -3.21 -21.19
C LEU B 86 -4.79 -2.82 -19.73
N ARG B 87 -3.84 -1.94 -19.41
CA ARG B 87 -3.80 -1.34 -18.08
C ARG B 87 -3.55 0.14 -18.22
N GLY B 88 -4.06 0.93 -17.28
CA GLY B 88 -3.85 2.35 -17.29
C GLY B 88 -2.60 2.73 -16.55
N LEU B 89 -1.98 3.81 -17.00
CA LEU B 89 -0.83 4.33 -16.31
C LEU B 89 -0.70 5.81 -16.03
N ARG B 90 -1.09 6.20 -14.82
CA ARG B 90 -1.03 7.59 -14.40
C ARG B 90 -0.25 7.84 -13.12
N ALA B 91 0.90 8.50 -13.26
CA ALA B 91 1.77 8.83 -12.12
C ALA B 91 1.83 7.80 -10.97
N VAL B 92 2.89 6.99 -10.98
CA VAL B 92 3.32 6.21 -9.83
C VAL B 92 2.03 5.78 -9.15
N SER B 93 1.14 5.17 -9.94
CA SER B 93 -0.13 4.64 -9.43
C SER B 93 0.20 3.43 -8.58
N ASP B 94 0.82 2.44 -9.21
CA ASP B 94 1.53 1.41 -8.46
C ASP B 94 2.69 0.99 -9.36
N PHE B 95 3.83 1.49 -8.90
CA PHE B 95 5.06 1.43 -9.65
C PHE B 95 5.52 0.02 -9.76
N GLU B 96 5.30 -0.48 -10.97
CA GLU B 96 5.77 -1.78 -11.38
C GLU B 96 4.98 -2.85 -10.69
N TYR B 97 3.91 -2.44 -10.00
CA TYR B 97 2.98 -3.37 -9.42
C TYR B 97 2.24 -3.77 -10.66
N GLU B 98 2.43 -2.92 -11.65
CA GLU B 98 2.02 -3.16 -13.01
C GLU B 98 3.07 -4.02 -13.74
N PHE B 99 4.35 -3.73 -13.55
CA PHE B 99 5.36 -4.52 -14.27
C PHE B 99 5.48 -5.93 -13.71
N GLN B 100 5.44 -6.12 -12.40
CA GLN B 100 5.47 -7.48 -11.86
C GLN B 100 4.16 -8.22 -12.22
N LEU B 101 3.09 -7.46 -12.36
CA LEU B 101 1.80 -8.01 -12.78
C LEU B 101 1.91 -8.49 -14.20
N ALA B 102 2.59 -7.67 -15.00
CA ALA B 102 2.73 -7.94 -16.41
C ALA B 102 3.62 -9.15 -16.60
N ASN B 103 4.76 -9.15 -15.93
CA ASN B 103 5.75 -10.20 -16.17
C ASN B 103 5.30 -11.53 -15.55
N MET B 104 4.47 -11.49 -14.51
CA MET B 104 4.01 -12.75 -13.92
C MET B 104 2.89 -13.31 -14.78
N ASN B 105 2.10 -12.43 -15.39
CA ASN B 105 1.10 -12.89 -16.35
C ASN B 105 1.76 -13.31 -17.67
N ARG B 106 2.97 -12.80 -17.92
CA ARG B 106 3.73 -13.22 -19.09
C ARG B 106 4.10 -14.68 -18.95
N GLN B 107 4.26 -15.13 -17.72
CA GLN B 107 4.60 -16.52 -17.47
C GLN B 107 3.38 -17.42 -17.61
N LEU B 108 2.22 -16.87 -17.27
CA LEU B 108 1.02 -17.68 -17.27
C LEU B 108 0.31 -17.69 -18.61
N ALA B 109 0.35 -16.55 -19.30
CA ALA B 109 -0.29 -16.44 -20.60
C ALA B 109 0.66 -15.76 -21.55
N PRO B 110 1.66 -16.51 -22.01
CA PRO B 110 2.72 -15.99 -22.85
C PRO B 110 2.24 -15.39 -24.16
N ASP B 111 1.10 -15.82 -24.70
CA ASP B 111 0.71 -15.31 -26.01
C ASP B 111 -0.06 -13.99 -25.91
N VAL B 112 -0.21 -13.48 -24.69
CA VAL B 112 -0.94 -12.24 -24.52
C VAL B 112 0.02 -11.11 -24.19
N GLU B 113 -0.08 -10.02 -24.92
CA GLU B 113 0.74 -8.84 -24.71
C GLU B 113 0.18 -7.96 -23.61
N SER B 114 1.06 -7.35 -22.81
CA SER B 114 0.61 -6.31 -21.88
C SER B 114 0.86 -4.95 -22.50
N MET B 115 -0.17 -4.11 -22.44
CA MET B 115 -0.14 -2.82 -23.08
C MET B 115 -0.70 -1.74 -22.16
N PHE B 116 -0.09 -0.56 -22.19
CA PHE B 116 -0.54 0.52 -21.33
C PHE B 116 -0.88 1.76 -22.11
N LEU B 117 -1.91 2.43 -21.61
CA LEU B 117 -2.31 3.74 -22.10
C LEU B 117 -2.35 4.66 -20.91
N THR B 118 -2.25 5.96 -21.17
CA THR B 118 -2.38 6.89 -20.06
C THR B 118 -3.60 7.77 -20.35
N PRO B 119 -4.38 8.07 -19.29
CA PRO B 119 -5.60 8.88 -19.47
C PRO B 119 -5.27 10.34 -19.70
N SER B 120 -6.27 11.10 -20.15
CA SER B 120 -6.13 12.55 -20.28
C SER B 120 -5.69 13.08 -18.92
N GLU B 121 -4.87 14.14 -18.91
CA GLU B 121 -4.35 14.68 -17.65
C GLU B 121 -5.47 14.99 -16.67
N LYS B 122 -6.63 15.33 -17.23
CA LYS B 122 -7.77 15.74 -16.43
C LYS B 122 -8.35 14.57 -15.65
N TYR B 123 -7.97 13.35 -16.02
CA TYR B 123 -8.47 12.15 -15.34
C TYR B 123 -7.37 11.32 -14.72
N SER B 124 -6.18 11.91 -14.64
CA SER B 124 -5.00 11.17 -14.18
C SER B 124 -4.96 11.00 -12.68
N PHE B 125 -5.92 11.60 -11.98
CA PHE B 125 -5.84 11.65 -10.53
C PHE B 125 -7.09 11.11 -9.85
N ILE B 126 -7.99 10.54 -10.62
CA ILE B 126 -9.20 10.01 -10.03
C ILE B 126 -8.96 8.63 -9.44
N SER B 127 -9.20 8.53 -8.13
CA SER B 127 -9.09 7.29 -7.38
C SER B 127 -10.46 6.72 -7.04
N SER B 128 -10.71 5.46 -7.40
CA SER B 128 -11.95 4.75 -7.06
C SER B 128 -12.18 4.73 -5.55
N THR B 129 -11.12 4.41 -4.82
CA THR B 129 -11.18 4.37 -3.38
C THR B 129 -11.58 5.72 -2.84
N LEU B 130 -11.00 6.79 -3.37
CA LEU B 130 -11.29 8.08 -2.79
C LEU B 130 -12.66 8.55 -3.22
N VAL B 131 -13.11 8.13 -4.42
CA VAL B 131 -14.48 8.43 -4.80
C VAL B 131 -15.47 7.79 -3.82
N ARG B 132 -15.22 6.52 -3.48
CA ARG B 132 -16.09 5.81 -2.55
C ARG B 132 -16.20 6.54 -1.21
N GLU B 133 -15.06 7.03 -0.70
CA GLU B 133 -15.06 7.66 0.62
C GLU B 133 -15.70 9.06 0.61
N ILE B 134 -15.48 9.80 -0.48
CA ILE B 134 -16.11 11.11 -0.66
C ILE B 134 -17.62 10.91 -0.73
N ALA B 135 -18.06 9.90 -1.47
CA ALA B 135 -19.48 9.62 -1.61
C ALA B 135 -20.06 9.19 -0.25
N ALA B 136 -19.31 8.37 0.49
CA ALA B 136 -19.77 7.90 1.79
C ALA B 136 -19.94 9.06 2.76
N LEU B 137 -19.24 10.17 2.51
CA LEU B 137 -19.40 11.31 3.40
C LEU B 137 -20.28 12.40 2.78
N GLY B 138 -21.00 12.09 1.70
CA GLY B 138 -21.93 13.04 1.11
C GLY B 138 -21.32 14.15 0.28
N GLY B 139 -20.11 13.95 -0.21
CA GLY B 139 -19.47 14.92 -1.07
C GLY B 139 -19.89 14.75 -2.52
N ASP B 140 -19.79 15.82 -3.30
CA ASP B 140 -20.12 15.76 -4.71
C ASP B 140 -19.03 15.02 -5.49
N ILE B 141 -19.40 13.93 -6.15
CA ILE B 141 -18.44 13.20 -6.98
C ILE B 141 -18.73 13.24 -8.48
N SER B 142 -19.61 14.13 -8.90
CA SER B 142 -20.00 14.21 -10.31
C SER B 142 -18.84 14.60 -11.24
N LYS B 143 -17.79 15.20 -10.69
CA LYS B 143 -16.62 15.53 -11.50
C LYS B 143 -15.75 14.30 -11.69
N PHE B 144 -16.06 13.22 -10.98
CA PHE B 144 -15.22 12.04 -11.06
C PHE B 144 -15.89 10.84 -11.76
N VAL B 145 -17.21 10.86 -11.86
CA VAL B 145 -17.91 9.71 -12.43
C VAL B 145 -19.06 10.12 -13.37
N HIS B 146 -19.48 9.19 -14.21
CA HIS B 146 -20.66 9.28 -15.05
C HIS B 146 -21.89 9.43 -14.12
N PRO B 147 -22.90 10.21 -14.58
CA PRO B 147 -24.12 10.49 -13.82
C PRO B 147 -24.77 9.23 -13.24
N ALA B 148 -24.80 8.15 -13.99
CA ALA B 148 -25.38 6.90 -13.52
C ALA B 148 -24.58 6.35 -12.34
N VAL B 149 -23.25 6.53 -12.38
CA VAL B 149 -22.40 6.09 -11.29
C VAL B 149 -22.69 6.99 -10.09
N ALA B 150 -22.76 8.30 -10.36
CA ALA B 150 -23.10 9.27 -9.32
C ALA B 150 -24.45 8.94 -8.67
N ASP B 151 -25.42 8.50 -9.47
CA ASP B 151 -26.72 8.15 -8.91
C ASP B 151 -26.59 6.94 -7.99
N ALA B 152 -25.91 5.89 -8.44
CA ALA B 152 -25.78 4.66 -7.66
C ALA B 152 -25.10 4.86 -6.31
N LEU B 153 -24.09 5.73 -6.28
CA LEU B 153 -23.38 6.02 -5.02
C LEU B 153 -24.30 6.73 -4.00
N ALA B 154 -25.12 7.67 -4.45
CA ALA B 154 -26.06 8.35 -3.55
C ALA B 154 -27.04 7.36 -2.92
N GLU B 155 -27.55 6.42 -3.72
CA GLU B 155 -28.53 5.46 -3.21
C GLU B 155 -27.88 4.40 -2.34
N ARG B 156 -26.57 4.22 -2.49
CA ARG B 156 -25.83 3.25 -1.70
C ARG B 156 -25.70 3.72 -0.26
N PHE B 157 -25.62 5.03 -0.10
CA PHE B 157 -25.41 5.67 1.21
C PHE B 157 -26.60 6.40 1.80
N LYS B 158 -27.81 5.93 1.48
CA LYS B 158 -29.04 6.45 2.06
C LYS B 158 -30.15 5.42 1.95
N MET C 1 -4.20 37.33 6.92
CA MET C 1 -4.44 36.18 7.79
C MET C 1 -4.46 34.84 7.04
N ASN C 2 -3.51 33.97 7.37
CA ASN C 2 -3.56 32.63 6.84
C ASN C 2 -3.98 31.66 7.92
N ARG C 3 -4.99 30.86 7.58
CA ARG C 3 -5.43 29.79 8.46
C ARG C 3 -5.24 28.46 7.77
N VAL C 4 -4.46 27.61 8.40
CA VAL C 4 -4.05 26.36 7.77
C VAL C 4 -4.53 25.12 8.55
N LEU C 5 -5.13 24.18 7.82
CA LEU C 5 -5.65 22.95 8.40
C LEU C 5 -4.73 21.78 8.09
N TYR C 6 -4.16 21.20 9.15
CA TYR C 6 -3.25 20.07 9.06
C TYR C 6 -4.05 18.79 9.36
N PRO C 7 -4.62 18.16 8.31
CA PRO C 7 -5.44 16.96 8.55
C PRO C 7 -4.63 15.69 8.63
N GLY C 8 -5.08 14.77 9.45
CA GLY C 8 -4.40 13.51 9.57
C GLY C 8 -5.09 12.62 10.56
N THR C 9 -4.68 11.36 10.59
CA THR C 9 -5.20 10.40 11.53
C THR C 9 -4.47 10.53 12.87
N PHE C 10 -3.17 10.82 12.82
CA PHE C 10 -2.37 10.97 14.05
C PHE C 10 -2.62 9.79 14.98
N ASP C 11 -2.20 8.59 14.59
CA ASP C 11 -2.44 7.41 15.42
C ASP C 11 -1.16 6.67 15.75
N PRO C 12 -0.34 7.22 16.66
CA PRO C 12 -0.49 8.52 17.31
C PRO C 12 0.29 9.61 16.60
N ILE C 13 0.23 10.82 17.13
CA ILE C 13 1.04 11.92 16.64
C ILE C 13 2.48 11.60 17.05
N THR C 14 3.43 11.94 16.17
CA THR C 14 4.84 11.59 16.36
C THR C 14 5.71 12.84 16.42
N LYS C 15 7.01 12.65 16.68
CA LYS C 15 7.94 13.77 16.62
C LYS C 15 8.00 14.33 15.21
N GLY C 16 7.65 13.52 14.22
CA GLY C 16 7.64 13.95 12.83
C GLY C 16 6.59 15.00 12.58
N HIS C 17 5.36 14.72 13.01
CA HIS C 17 4.23 15.63 12.91
C HIS C 17 4.51 16.92 13.67
N GLY C 18 5.08 16.78 14.86
CA GLY C 18 5.38 17.91 15.75
C GLY C 18 6.39 18.88 15.18
N ASP C 19 7.39 18.35 14.49
CA ASP C 19 8.35 19.19 13.81
C ASP C 19 7.61 20.10 12.83
N LEU C 20 6.76 19.49 12.01
CA LEU C 20 5.97 20.23 11.03
C LEU C 20 5.08 21.32 11.66
N ILE C 21 4.43 20.98 12.76
CA ILE C 21 3.53 21.89 13.46
C ILE C 21 4.31 23.07 14.06
N GLU C 22 5.50 22.79 14.57
CA GLU C 22 6.40 23.84 15.04
C GLU C 22 6.66 24.83 13.93
N ARG C 23 7.06 24.28 12.79
CA ARG C 23 7.45 25.09 11.66
C ARG C 23 6.26 25.86 11.13
N ALA C 24 5.10 25.21 11.13
CA ALA C 24 3.91 25.81 10.57
C ALA C 24 3.38 26.91 11.48
N SER C 25 3.54 26.74 12.79
CA SER C 25 3.01 27.75 13.71
C SER C 25 3.85 29.03 13.64
N ARG C 26 5.11 28.92 13.24
CA ARG C 26 5.97 30.10 13.07
C ARG C 26 5.70 30.78 11.73
N LEU C 27 4.97 30.10 10.85
CA LEU C 27 4.73 30.61 9.51
C LEU C 27 3.36 31.24 9.38
N PHE C 28 2.40 30.72 10.13
CA PHE C 28 1.00 31.07 9.93
C PHE C 28 0.34 31.60 11.18
N ASP C 29 -0.67 32.43 10.99
CA ASP C 29 -1.38 33.04 12.09
C ASP C 29 -2.17 32.02 12.90
N HIS C 30 -2.75 31.06 12.21
CA HIS C 30 -3.61 30.09 12.85
C HIS C 30 -3.34 28.71 12.25
N VAL C 31 -2.97 27.78 13.13
CA VAL C 31 -2.77 26.38 12.74
C VAL C 31 -3.77 25.48 13.43
N ILE C 32 -4.56 24.80 12.61
CA ILE C 32 -5.53 23.85 13.12
C ILE C 32 -5.12 22.44 12.74
N ILE C 33 -4.96 21.62 13.77
CA ILE C 33 -4.72 20.22 13.58
C ILE C 33 -6.06 19.51 13.55
N ALA C 34 -6.44 19.04 12.37
CA ALA C 34 -7.69 18.34 12.23
C ALA C 34 -7.46 16.85 12.31
N VAL C 35 -7.85 16.26 13.43
CA VAL C 35 -7.72 14.82 13.58
C VAL C 35 -8.94 14.11 13.04
N ALA C 36 -8.74 13.35 11.96
CA ALA C 36 -9.83 12.60 11.34
C ALA C 36 -10.14 11.31 12.10
N ALA C 37 -11.42 11.01 12.24
CA ALA C 37 -11.87 9.77 12.88
C ALA C 37 -11.22 8.56 12.22
N SER C 38 -11.23 8.53 10.88
CA SER C 38 -10.63 7.45 10.09
C SER C 38 -11.05 6.07 10.57
N PRO C 39 -12.36 5.82 10.62
CA PRO C 39 -12.80 4.57 11.25
C PRO C 39 -12.30 3.34 10.49
N LYS C 40 -12.06 3.49 9.20
CA LYS C 40 -11.64 2.40 8.32
C LYS C 40 -10.16 2.03 8.45
N LYS C 41 -9.46 2.65 9.39
CA LYS C 41 -8.08 2.29 9.67
C LYS C 41 -8.03 1.51 10.97
N ASN C 42 -9.18 1.39 11.64
N ASN C 42 -9.19 1.38 11.61
CA ASN C 42 -9.24 0.81 12.98
CA ASN C 42 -9.29 0.83 12.97
C ASN C 42 -8.12 1.38 13.84
C ASN C 42 -8.17 1.36 13.87
N PRO C 43 -8.15 2.70 14.10
CA PRO C 43 -7.04 3.35 14.82
C PRO C 43 -6.83 2.76 16.21
N LEU C 44 -5.57 2.58 16.61
CA LEU C 44 -5.24 2.05 17.93
C LEU C 44 -5.87 2.91 19.01
N PHE C 45 -5.70 4.22 18.87
CA PHE C 45 -6.25 5.15 19.81
C PHE C 45 -7.57 5.69 19.30
N SER C 46 -8.48 5.91 20.23
CA SER C 46 -9.75 6.55 19.93
C SER C 46 -9.52 7.99 19.48
N LEU C 47 -10.49 8.54 18.78
CA LEU C 47 -10.41 9.91 18.32
C LEU C 47 -10.12 10.87 19.49
N GLU C 48 -10.86 10.71 20.58
CA GLU C 48 -10.66 11.54 21.75
C GLU C 48 -9.23 11.48 22.28
N GLN C 49 -8.65 10.28 22.32
CA GLN C 49 -7.28 10.11 22.78
C GLN C 49 -6.31 10.80 21.84
N ARG C 50 -6.54 10.61 20.55
CA ARG C 50 -5.64 11.18 19.55
C ARG C 50 -5.68 12.71 19.65
N VAL C 51 -6.88 13.25 19.75
CA VAL C 51 -7.03 14.69 19.94
C VAL C 51 -6.30 15.11 21.21
N ALA C 52 -6.53 14.36 22.28
CA ALA C 52 -5.88 14.63 23.57
C ALA C 52 -4.37 14.56 23.45
N LEU C 53 -3.86 13.51 22.81
CA LEU C 53 -2.42 13.40 22.66
C LEU C 53 -1.86 14.56 21.82
N ALA C 54 -2.55 14.93 20.74
CA ALA C 54 -2.11 16.04 19.90
C ALA C 54 -2.10 17.39 20.66
N GLN C 55 -3.10 17.58 21.52
CA GLN C 55 -3.17 18.79 22.34
C GLN C 55 -2.00 18.89 23.30
N GLU C 56 -1.70 17.77 23.94
CA GLU C 56 -0.63 17.74 24.93
C GLU C 56 0.71 18.14 24.30
N VAL C 57 0.96 17.62 23.10
CA VAL C 57 2.19 17.86 22.37
C VAL C 57 2.28 19.30 21.86
N THR C 58 1.14 19.98 21.76
CA THR C 58 1.12 21.28 21.11
C THR C 58 0.72 22.43 22.05
N LYS C 59 0.55 22.13 23.34
CA LYS C 59 -0.01 23.09 24.29
C LYS C 59 0.86 24.34 24.47
N HIS C 60 2.14 24.22 24.18
CA HIS C 60 3.08 25.34 24.24
C HIS C 60 3.01 26.29 23.03
N LEU C 61 2.20 25.95 22.02
CA LEU C 61 2.08 26.79 20.83
C LEU C 61 0.72 27.50 20.82
N PRO C 62 0.74 28.83 21.03
CA PRO C 62 -0.51 29.56 21.29
C PRO C 62 -1.43 29.62 20.09
N ASN C 63 -0.88 29.65 18.87
CA ASN C 63 -1.68 29.77 17.66
C ASN C 63 -2.05 28.42 17.05
N VAL C 64 -1.77 27.37 17.79
CA VAL C 64 -2.13 26.03 17.36
C VAL C 64 -3.31 25.53 18.18
N GLU C 65 -4.29 25.02 17.47
CA GLU C 65 -5.49 24.51 18.07
C GLU C 65 -5.76 23.12 17.47
N VAL C 66 -6.33 22.22 18.28
CA VAL C 66 -6.52 20.83 17.85
C VAL C 66 -7.98 20.41 17.92
N VAL C 67 -8.50 19.85 16.83
CA VAL C 67 -9.90 19.42 16.73
C VAL C 67 -10.10 18.08 16.03
N GLY C 68 -11.03 17.28 16.52
CA GLY C 68 -11.42 16.04 15.87
C GLY C 68 -12.57 16.26 14.91
N PHE C 69 -12.63 15.47 13.84
CA PHE C 69 -13.72 15.56 12.87
C PHE C 69 -13.86 14.24 12.17
N SER C 70 -15.07 13.94 11.75
CA SER C 70 -15.31 12.68 11.06
C SER C 70 -16.11 12.89 9.77
N THR C 71 -16.21 14.15 9.36
CA THR C 71 -16.88 14.47 8.11
C THR C 71 -15.87 14.52 6.95
N LEU C 72 -16.35 14.87 5.77
CA LEU C 72 -15.49 15.04 4.60
C LEU C 72 -14.53 16.22 4.77
N LEU C 73 -13.25 15.97 4.51
CA LEU C 73 -12.21 17.01 4.65
C LEU C 73 -12.52 18.29 3.85
N ALA C 74 -13.06 18.16 2.64
CA ALA C 74 -13.34 19.35 1.82
C ALA C 74 -14.44 20.23 2.40
N HIS C 75 -15.46 19.59 2.98
CA HIS C 75 -16.47 20.29 3.77
C HIS C 75 -15.84 20.88 5.03
N PHE C 76 -15.18 20.04 5.82
CA PHE C 76 -14.64 20.50 7.09
C PHE C 76 -13.68 21.70 6.98
N VAL C 77 -12.86 21.74 5.93
CA VAL C 77 -11.91 22.83 5.80
C VAL C 77 -12.65 24.15 5.49
N LYS C 78 -13.78 24.07 4.80
CA LYS C 78 -14.52 25.31 4.52
C LYS C 78 -15.15 25.72 5.83
N GLU C 79 -15.60 24.72 6.57
CA GLU C 79 -16.30 24.93 7.82
C GLU C 79 -15.36 25.53 8.85
N GLN C 80 -14.07 25.26 8.69
CA GLN C 80 -13.08 25.83 9.57
C GLN C 80 -12.59 27.13 9.00
N LYS C 81 -13.04 27.42 7.79
CA LYS C 81 -12.61 28.60 7.06
C LYS C 81 -11.07 28.70 6.98
N ALA C 82 -10.42 27.58 6.72
CA ALA C 82 -8.99 27.58 6.50
C ALA C 82 -8.77 27.84 5.03
N ASN C 83 -7.68 28.51 4.65
CA ASN C 83 -7.49 28.81 3.24
C ASN C 83 -6.34 27.98 2.69
N VAL C 84 -5.75 27.20 3.58
CA VAL C 84 -4.61 26.34 3.25
C VAL C 84 -4.70 24.94 3.90
N PHE C 85 -4.46 23.92 3.09
CA PHE C 85 -4.20 22.57 3.58
C PHE C 85 -2.71 22.42 3.85
N LEU C 86 -2.34 21.83 4.97
CA LEU C 86 -0.94 21.45 5.19
C LEU C 86 -0.77 19.92 5.13
N ARG C 87 0.26 19.45 4.42
CA ARG C 87 0.66 18.05 4.51
C ARG C 87 2.17 17.95 4.59
N GLY C 88 2.67 16.88 5.20
CA GLY C 88 4.10 16.61 5.23
C GLY C 88 4.54 15.76 4.05
N LEU C 89 5.79 15.92 3.62
CA LEU C 89 6.40 15.06 2.60
C LEU C 89 7.77 14.62 3.10
N ARG C 90 7.99 13.32 3.25
CA ARG C 90 9.26 12.82 3.78
C ARG C 90 9.90 11.68 2.96
N ALA C 91 9.35 10.47 3.11
CA ALA C 91 9.98 9.27 2.59
C ALA C 91 9.95 9.34 1.10
N VAL C 92 8.70 9.36 0.63
CA VAL C 92 8.40 9.39 -0.76
C VAL C 92 7.80 10.82 -0.98
N SER C 93 6.76 11.20 -0.23
CA SER C 93 6.20 10.40 0.83
C SER C 93 5.45 9.15 0.39
N ASP C 94 4.29 9.30 -0.22
CA ASP C 94 3.59 8.12 -0.75
C ASP C 94 3.42 8.67 -2.12
N PHE C 95 3.18 9.96 -2.07
CA PHE C 95 3.44 10.93 -3.13
C PHE C 95 2.53 10.66 -4.28
N GLU C 96 1.79 9.57 -4.20
CA GLU C 96 0.96 9.30 -5.31
C GLU C 96 -0.22 10.03 -4.80
N TYR C 97 -0.67 9.38 -3.75
CA TYR C 97 -1.83 9.66 -2.95
C TYR C 97 -1.91 11.12 -2.44
N GLU C 98 -0.77 11.77 -2.21
CA GLU C 98 -0.79 13.17 -1.81
C GLU C 98 -1.33 14.03 -2.96
N PHE C 99 -0.90 13.73 -4.18
CA PHE C 99 -1.35 14.46 -5.37
C PHE C 99 -2.76 14.15 -5.78
N GLN C 100 -3.12 12.90 -5.60
CA GLN C 100 -4.46 12.42 -5.86
C GLN C 100 -5.40 13.08 -4.84
N LEU C 101 -4.88 13.30 -3.63
CA LEU C 101 -5.62 13.95 -2.56
C LEU C 101 -5.81 15.45 -2.82
N ALA C 102 -4.74 16.09 -3.30
CA ALA C 102 -4.74 17.53 -3.52
C ALA C 102 -5.66 17.91 -4.67
N ASN C 103 -5.55 17.19 -5.79
CA ASN C 103 -6.32 17.54 -6.97
C ASN C 103 -7.80 17.19 -6.80
N MET C 104 -8.09 16.20 -5.97
CA MET C 104 -9.47 15.85 -5.77
C MET C 104 -10.08 16.77 -4.72
N ASN C 105 -9.30 17.24 -3.75
CA ASN C 105 -9.83 18.23 -2.81
C ASN C 105 -9.93 19.60 -3.44
N ARG C 106 -9.11 19.84 -4.47
CA ARG C 106 -9.19 21.07 -5.19
C ARG C 106 -10.45 21.18 -6.05
N GLN C 107 -11.01 20.04 -6.43
CA GLN C 107 -12.26 20.05 -7.19
C GLN C 107 -13.42 20.32 -6.24
N LEU C 108 -13.28 19.86 -4.99
CA LEU C 108 -14.33 19.98 -4.01
C LEU C 108 -14.21 21.28 -3.25
N ALA C 109 -12.97 21.74 -3.03
CA ALA C 109 -12.73 23.01 -2.37
C ALA C 109 -11.72 23.84 -3.14
N PRO C 110 -12.15 24.43 -4.27
CA PRO C 110 -11.28 25.17 -5.19
C PRO C 110 -10.55 26.37 -4.59
N ASP C 111 -11.08 26.99 -3.55
CA ASP C 111 -10.43 28.16 -2.96
C ASP C 111 -9.42 27.83 -1.86
N VAL C 112 -9.18 26.55 -1.62
CA VAL C 112 -8.23 26.13 -0.61
C VAL C 112 -6.95 25.63 -1.26
N GLU C 113 -5.83 26.21 -0.85
CA GLU C 113 -4.53 25.82 -1.40
C GLU C 113 -3.93 24.60 -0.70
N SER C 114 -3.32 23.73 -1.48
CA SER C 114 -2.60 22.62 -0.90
C SER C 114 -1.12 23.01 -0.79
N MET C 115 -0.57 22.79 0.39
CA MET C 115 0.79 23.20 0.69
C MET C 115 1.55 22.11 1.43
N PHE C 116 2.85 21.96 1.13
CA PHE C 116 3.64 20.92 1.77
C PHE C 116 4.87 21.45 2.47
N LEU C 117 5.17 20.84 3.60
CA LEU C 117 6.40 21.09 4.32
C LEU C 117 7.05 19.73 4.52
N THR C 118 8.35 19.75 4.71
CA THR C 118 9.06 18.51 4.95
C THR C 118 9.68 18.59 6.34
N PRO C 119 9.65 17.49 7.08
CA PRO C 119 10.22 17.56 8.44
C PRO C 119 11.74 17.62 8.41
N SER C 120 12.35 17.93 9.56
CA SER C 120 13.79 17.91 9.70
C SER C 120 14.23 16.52 9.28
N GLU C 121 15.40 16.40 8.67
CA GLU C 121 15.85 15.09 8.19
C GLU C 121 15.89 14.07 9.32
N LYS C 122 16.10 14.56 10.54
CA LYS C 122 16.22 13.72 11.71
C LYS C 122 14.86 13.11 12.12
N TYR C 123 13.75 13.61 11.57
CA TYR C 123 12.43 13.00 11.81
C TYR C 123 11.73 12.53 10.55
N SER C 124 12.44 12.50 9.43
CA SER C 124 11.83 12.21 8.14
C SER C 124 11.52 10.73 7.91
N PHE C 125 11.86 9.89 8.88
CA PHE C 125 11.70 8.46 8.72
C PHE C 125 10.80 7.86 9.80
N ILE C 126 10.20 8.73 10.59
CA ILE C 126 9.30 8.26 11.63
C ILE C 126 7.92 7.97 11.06
N SER C 127 7.53 6.72 11.14
CA SER C 127 6.21 6.28 10.72
C SER C 127 5.32 5.95 11.92
N SER C 128 4.11 6.52 11.96
CA SER C 128 3.13 6.17 12.98
C SER C 128 2.85 4.67 13.01
N THR C 129 2.74 4.07 11.83
CA THR C 129 2.48 2.64 11.80
C THR C 129 3.56 1.86 12.54
N LEU C 130 4.79 2.19 12.32
CA LEU C 130 5.86 1.42 12.87
C LEU C 130 6.23 1.79 14.27
N VAL C 131 5.87 2.97 14.69
CA VAL C 131 5.95 3.38 16.08
C VAL C 131 4.96 2.48 16.89
N ARG C 132 3.75 2.32 16.37
CA ARG C 132 2.77 1.45 17.01
C ARG C 132 3.28 0.02 17.08
N GLU C 133 3.85 -0.46 15.98
CA GLU C 133 4.27 -1.84 15.95
C GLU C 133 5.49 -2.07 16.87
N ILE C 134 6.39 -1.11 16.93
CA ILE C 134 7.51 -1.24 17.85
C ILE C 134 7.01 -1.29 19.30
N ALA C 135 6.06 -0.43 19.63
CA ALA C 135 5.51 -0.39 20.98
C ALA C 135 4.79 -1.71 21.35
N ALA C 136 4.02 -2.23 20.40
CA ALA C 136 3.25 -3.44 20.61
C ALA C 136 4.19 -4.61 20.90
N LEU C 137 5.44 -4.50 20.49
CA LEU C 137 6.43 -5.54 20.77
C LEU C 137 7.38 -5.14 21.90
N GLY C 138 7.05 -4.08 22.64
CA GLY C 138 7.85 -3.68 23.79
C GLY C 138 9.15 -2.95 23.50
N GLY C 139 9.26 -2.33 22.33
CA GLY C 139 10.44 -1.56 21.99
C GLY C 139 10.40 -0.13 22.48
N ASP C 140 11.59 0.46 22.65
CA ASP C 140 11.71 1.84 23.08
C ASP C 140 11.36 2.76 21.93
N ILE C 141 10.30 3.55 22.07
CA ILE C 141 9.95 4.49 21.01
C ILE C 141 10.09 5.95 21.44
N SER C 142 10.78 6.19 22.56
CA SER C 142 10.90 7.53 23.16
C SER C 142 11.64 8.49 22.26
N LYS C 143 12.41 7.95 21.32
CA LYS C 143 13.17 8.76 20.39
C LYS C 143 12.34 9.15 19.13
N PHE C 144 11.14 8.61 19.00
CA PHE C 144 10.27 8.88 17.84
C PHE C 144 9.05 9.73 18.21
N VAL C 145 8.72 9.77 19.48
CA VAL C 145 7.51 10.44 19.93
C VAL C 145 7.74 11.25 21.19
N HIS C 146 6.81 12.16 21.43
CA HIS C 146 6.74 12.92 22.65
C HIS C 146 6.50 11.95 23.83
N PRO C 147 7.07 12.26 25.00
CA PRO C 147 6.93 11.48 26.24
C PRO C 147 5.48 11.08 26.61
N ALA C 148 4.50 11.95 26.41
CA ALA C 148 3.13 11.61 26.74
C ALA C 148 2.62 10.51 25.83
N VAL C 149 3.02 10.59 24.57
CA VAL C 149 2.65 9.60 23.57
C VAL C 149 3.31 8.25 23.86
N ALA C 150 4.58 8.28 24.22
CA ALA C 150 5.30 7.05 24.55
C ALA C 150 4.60 6.32 25.67
N ASP C 151 4.14 7.11 26.64
CA ASP C 151 3.42 6.59 27.79
C ASP C 151 2.05 6.03 27.42
N ALA C 152 1.30 6.75 26.61
CA ALA C 152 -0.02 6.27 26.21
C ALA C 152 0.11 4.93 25.46
N LEU C 153 1.16 4.82 24.64
CA LEU C 153 1.44 3.58 23.91
C LEU C 153 1.85 2.43 24.85
N ALA C 154 2.68 2.73 25.83
CA ALA C 154 3.12 1.71 26.77
C ALA C 154 1.92 1.14 27.51
N GLU C 155 1.05 2.04 27.97
CA GLU C 155 -0.10 1.64 28.77
C GLU C 155 -1.18 1.04 27.88
N ARG C 156 -1.05 1.26 26.58
CA ARG C 156 -2.00 0.71 25.61
C ARG C 156 -1.81 -0.80 25.46
N PHE C 157 -0.57 -1.26 25.58
CA PHE C 157 -0.24 -2.67 25.39
C PHE C 157 0.10 -3.28 26.75
N LYS C 158 -0.51 -2.74 27.80
CA LYS C 158 -0.32 -3.25 29.16
C LYS C 158 -1.53 -2.86 30.02
N1A COA D . -0.64 -7.97 4.04
C2A COA D . -0.09 -8.96 3.28
N3A COA D . 1.20 -8.84 2.84
C4A COA D . 1.94 -7.72 3.14
C5A COA D . 1.39 -6.73 3.89
C6A COA D . 0.08 -6.86 4.34
N6A COA D . -0.80 -6.04 5.12
N7A COA D . 2.31 -5.75 4.05
C8A COA D . 3.45 -6.12 3.39
N9A COA D . 3.22 -7.34 2.84
C1B COA D . 4.14 -8.10 2.08
C2B COA D . 4.47 -7.46 0.98
O2B COA D . 3.52 -7.88 -0.08
C3B COA D . 5.92 -7.92 0.70
O3B COA D . 5.89 -8.99 -0.09
P3B COA D . 5.65 -8.76 -1.63
O7A COA D . 6.11 -7.36 -1.96
O8A COA D . 4.17 -8.91 -1.94
O9A COA D . 6.45 -9.78 -2.39
C4B COA D . 6.52 -8.32 2.10
O4B COA D . 5.51 -8.44 2.92
C5B COA D . 7.46 -7.23 2.63
O5B COA D . 8.66 -7.86 3.09
P1A COA D . 8.58 -8.82 4.37
O1A COA D . 9.92 -8.82 5.07
O2A COA D . 8.17 -10.22 3.97
O3A COA D . 7.60 -8.19 5.44
P2A COA D . 8.08 -6.76 5.98
O4A COA D . 6.92 -5.78 5.85
O5A COA D . 9.27 -6.28 5.16
O6A COA D . 8.57 -6.85 7.53
CBP COA D . 10.57 -6.78 8.83
CCP COA D . 9.58 -5.94 7.97
CDP COA D . 11.71 -7.25 7.94
CEP COA D . 11.09 -5.98 10.01
CAP COA D . 9.75 -8.00 9.33
OAP COA D . 10.48 -9.17 9.19
C9P COA D . 9.23 -7.73 10.75
O9P COA D . 8.18 -7.14 10.85
N8P COA D . 10.04 -8.19 11.94
C7P COA D . 9.76 -8.08 13.39
C6P COA D . 8.64 -7.13 13.88
C5P COA D . 9.24 -5.72 14.06
O5P COA D . 10.33 -5.57 14.59
N4P COA D . 8.49 -4.57 13.60
C3P COA D . 9.04 -3.24 13.73
C2P COA D . 9.74 -2.92 12.39
S1P COA D . 11.10 -1.78 12.58
S DMS E . 16.45 -20.32 -7.08
O DMS E . 17.04 -21.69 -7.24
C1 DMS E . 15.72 -20.21 -5.43
C2 DMS E . 17.86 -19.20 -6.94
S DMS F . 11.40 -15.59 19.92
O DMS F . 10.23 -15.00 19.18
C1 DMS F . 12.25 -16.86 18.94
C2 DMS F . 12.78 -14.42 20.11
S DMS G . -1.07 -24.88 -7.95
O DMS G . -0.55 -24.77 -6.54
C1 DMS G . -2.49 -23.77 -8.12
C2 DMS G . 0.11 -24.09 -9.06
S DMS H . -7.13 -27.63 3.95
O DMS H . -7.64 -26.79 2.82
C1 DMS H . -8.16 -29.13 4.14
C2 DMS H . -5.52 -28.30 3.43
C ACT I . 3.19 -28.36 10.13
O ACT I . 2.33 -28.48 9.22
OXT ACT I . 3.92 -27.34 10.10
CH3 ACT I . 3.36 -29.38 11.21
C ACT J . 3.58 -15.16 21.25
O ACT J . 4.20 -16.25 21.13
OXT ACT J . 2.55 -15.14 21.99
CH3 ACT J . 4.01 -13.91 20.53
C ACT K . 13.26 -10.48 -3.21
O ACT K . 13.11 -10.98 -4.36
OXT ACT K . 12.25 -10.42 -2.48
CH3 ACT K . 14.60 -9.97 -2.74
C1 PEG L . 7.57 -18.59 18.16
O1 PEG L . 8.89 -18.02 17.95
C2 PEG L . 6.44 -17.62 17.55
O2 PEG L . 5.13 -18.15 17.79
C3 PEG L . 4.26 -18.14 16.69
C4 PEG L . 3.07 -17.22 17.00
O4 PEG L . 3.50 -16.36 18.02
C1 PEG M . 11.60 -21.52 15.03
O1 PEG M . 13.00 -21.34 14.69
C2 PEG M . 11.00 -22.80 14.31
O2 PEG M . 9.57 -22.76 14.26
C3 PEG M . 8.96 -21.96 15.25
C4 PEG M . 7.56 -22.54 15.55
O4 PEG M . 6.59 -21.71 14.96
C1 PEG N . 6.02 -28.50 4.66
O1 PEG N . 5.24 -27.47 5.34
C2 PEG N . 7.38 -28.74 5.47
O2 PEG N . 8.47 -28.90 4.58
C3 PEG N . 8.77 -30.22 4.24
C4 PEG N . 9.30 -30.26 2.80
O4 PEG N . 8.33 -29.72 1.96
C FMT O . 9.37 -26.07 11.26
O1 FMT O . 9.25 -24.98 11.85
O2 FMT O . 10.41 -26.76 11.21
N1A COA P . -6.86 -3.64 -1.68
C2A COA P . -7.71 -2.62 -1.93
N3A COA P . -7.55 -1.85 -3.05
C4A COA P . -6.54 -2.12 -3.93
C5A COA P . -5.70 -3.15 -3.68
C6A COA P . -5.87 -3.92 -2.53
N6A COA P . -5.20 -5.04 -1.96
N7A COA P . -4.79 -3.19 -4.71
C8A COA P . -5.09 -2.19 -5.58
N9A COA P . -6.17 -1.52 -5.11
C1B COA P . -6.82 -0.40 -5.69
C2B COA P . -5.98 0.39 -6.34
O2B COA P . -5.32 1.37 -5.45
C3B COA P . -6.95 1.09 -7.31
O3B COA P . -7.86 1.81 -6.66
P3B COA P . -7.76 3.40 -6.72
O7A COA P . -6.31 3.80 -6.94
O8A COA P . -8.25 3.99 -5.43
O9A COA P . -8.62 3.93 -7.83
C4B COA P . -7.62 -0.19 -7.88
O4B COA P . -7.93 -0.84 -6.80
C5B COA P . -6.49 -0.93 -8.59
O5B COA P . -6.96 -1.34 -9.87
P1A COA P . -7.86 -2.63 -9.93
O1A COA P . -7.69 -3.19 -11.32
O2A COA P . -9.30 -2.26 -9.65
O3A COA P . -7.42 -3.73 -8.87
P2A COA P . -5.95 -4.37 -9.00
O4A COA P . -5.37 -4.52 -7.61
O5A COA P . -5.15 -3.38 -9.83
O6A COA P . -5.95 -5.78 -9.79
CBP COA P . -6.11 -7.21 -11.79
CCP COA P . -5.95 -5.75 -11.23
CDP COA P . -5.93 -7.19 -13.30
CEP COA P . -5.09 -8.13 -11.15
CAP COA P . -7.54 -7.70 -11.48
OAP COA P . -8.01 -8.36 -12.59
C9P COA P . -7.52 -8.59 -10.22
O9P COA P . -7.35 -8.07 -9.12
N8P COA P . -7.68 -10.08 -10.21
C7P COA P . -7.90 -10.98 -11.35
C6P COA P . -7.74 -12.42 -10.78
C5P COA P . -6.23 -12.69 -10.75
O5P COA P . -5.73 -13.31 -11.67
N4P COA P . -5.41 -12.19 -9.68
C3P COA P . -3.97 -12.43 -9.67
C2P COA P . -3.36 -11.35 -10.57
S1P COA P . -1.66 -11.77 -10.92
S DMS Q . 0.31 -11.00 -30.61
O DMS Q . 1.21 -12.19 -30.81
C1 DMS Q . -1.17 -11.20 -31.65
C2 DMS Q . -0.40 -11.05 -28.93
S DMS R . -8.29 -12.99 -31.38
O DMS R . -8.25 -13.89 -32.57
C1 DMS R . -6.58 -12.56 -30.96
C2 DMS R . -8.88 -11.36 -31.91
C ACT S . -15.11 9.61 -19.86
O ACT S . -15.01 9.52 -21.10
OXT ACT S . -14.29 10.38 -19.32
CH3 ACT S . -16.17 8.85 -19.09
N1A COA T . -4.01 1.82 7.46
C2A COA T . -2.91 2.03 8.24
N3A COA T . -2.07 3.08 7.96
C4A COA T . -2.33 3.90 6.88
C5A COA T . -3.42 3.67 6.11
C6A COA T . -4.28 2.61 6.40
N6A COA T . -5.47 2.10 5.83
N7A COA T . -3.43 4.61 5.12
C8A COA T . -2.36 5.42 5.28
N9A COA T . -1.67 4.99 6.37
C1B COA T . -0.48 5.51 6.93
C2B COA T . 0.31 6.10 6.03
O2B COA T . 1.42 5.23 5.56
C3B COA T . 0.85 7.37 6.76
O3B COA T . 2.02 7.29 7.42
P3B COA T . 2.58 6.13 8.38
O7A COA T . 3.31 5.10 7.53
O8A COA T . 1.56 5.45 9.25
O9A COA T . 3.55 6.81 9.31
C4B COA T . -0.36 7.75 7.69
O4B COA T . -0.85 6.61 8.08
C5B COA T . -1.40 8.40 6.80
O5B COA T . -1.58 9.76 7.17
P1A COA T . -3.08 10.22 7.42
O1A COA T . -3.35 11.49 6.64
O2A COA T . -3.28 10.44 8.89
O3A COA T . -4.08 9.11 6.89
P2A COA T . -4.52 9.08 5.34
O4A COA T . -4.93 7.68 4.92
O5A COA T . -3.32 9.53 4.49
O6A COA T . -5.76 10.13 5.12
CBP COA T . -6.78 12.31 4.68
CCP COA T . -5.50 11.42 4.52
CDP COA T . -6.42 13.79 4.56
CEP COA T . -7.81 11.94 3.63
CAP COA T . -7.30 12.02 6.09
OAP COA T . -7.04 13.11 6.86
C9P COA T . -8.80 11.78 6.14
O9P COA T . -9.24 10.65 6.21
N8P COA T . -9.69 12.99 6.12
C7P COA T . -11.16 13.02 6.21
C6P COA T . -11.95 11.93 5.44
C5P COA T . -11.97 12.33 3.96
O5P COA T . -12.18 13.49 3.66
N4P COA T . -11.73 11.30 2.95
C3P COA T . -11.73 11.66 1.54
C2P COA T . -10.33 12.17 1.21
S1P COA T . -10.36 13.33 -0.15
S DMS U . 10.56 31.56 9.89
O DMS U . 10.36 30.66 11.08
C1 DMS U . 10.92 30.53 8.44
C2 DMS U . 8.97 32.30 9.46
C ACT V . 8.62 17.81 17.96
O ACT V . 9.53 17.18 17.38
OXT ACT V . 8.83 19.05 18.06
CH3 ACT V . 7.38 17.17 18.53
#